data_8HQQ
#
_entry.id   8HQQ
#
_cell.length_a   44.642
_cell.length_b   44.642
_cell.length_c   329.112
_cell.angle_alpha   90.00
_cell.angle_beta   90.00
_cell.angle_gamma   120.00
#
_symmetry.space_group_name_H-M   'P 32 2 1'
#
loop_
_entity.id
_entity.type
_entity.pdbx_description
1 polymer 'Probable binding protein component of ABC sugar transporter'
2 non-polymer beta-D-glucopyranose
3 water water
#
_entity_poly.entity_id   1
_entity_poly.type   'polypeptide(L)'
_entity_poly.pdbx_seq_one_letter_code
;MGSSHHHHHHSSGLVPRGSHMAPKAEVLHWWTGGGEAKALKVLQDEFAAQNGVWLDMPVSGGGGDAAMQTLKARIVANDA
PAAAQIKGPTIQEYDEEGVVAPYNIDAVAKKEGWDNLLSKQVASHMKCDDGKAYCAAPVNIHRIDWIWANKKVLDSNGIK
MPSTWAEFNAAADKLQANGIIPLAHGSQPWQDATVFEAVALGVGGNDFYRKAFVDLDAATLGGSTMTKVFDQMRKLKGYT
DAGSPGRDWNVATGMVMEGKAAFQIMGDWAKGEFAANNMAPGKDYICAPTPSNNGYLYNVDSFIFYKVKGKDKVEGQKLL
ASLMMGKNFQKVFNIYKGSIPARLDVSMDEFDMCAKKSNADLKTAGSKGGLLPSFAHGMALRLAQKGAIQDVVTEHFNSN
MSSSDAAKKLAAAVKASL
;
_entity_poly.pdbx_strand_id   A
#
loop_
_chem_comp.id
_chem_comp.type
_chem_comp.name
_chem_comp.formula
BGC D-saccharide, beta linking beta-D-glucopyranose 'C6 H12 O6'
#
# COMPACT_ATOMS: atom_id res chain seq x y z
N MET A 21 24.34 -26.48 1.22
CA MET A 21 25.10 -25.73 0.22
C MET A 21 24.26 -24.64 -0.48
N ALA A 22 23.14 -25.03 -1.10
CA ALA A 22 22.34 -24.07 -1.84
C ALA A 22 21.92 -22.91 -0.93
N PRO A 23 21.82 -21.69 -1.49
CA PRO A 23 21.26 -20.59 -0.70
C PRO A 23 19.81 -20.89 -0.35
N LYS A 24 19.43 -20.57 0.89
CA LYS A 24 18.09 -20.84 1.40
C LYS A 24 17.50 -19.58 2.01
N ALA A 25 16.18 -19.50 2.01
CA ALA A 25 15.50 -18.39 2.67
C ALA A 25 14.04 -18.74 2.89
N GLU A 26 13.58 -18.63 4.13
CA GLU A 26 12.15 -18.56 4.37
C GLU A 26 11.70 -17.12 4.16
N VAL A 27 10.62 -16.94 3.41
CA VAL A 27 10.10 -15.62 3.08
C VAL A 27 8.66 -15.54 3.59
N LEU A 28 8.40 -14.55 4.44
CA LEU A 28 7.06 -14.30 4.96
C LEU A 28 6.47 -13.11 4.23
N HIS A 29 5.28 -13.30 3.67
CA HIS A 29 4.65 -12.29 2.84
C HIS A 29 3.14 -12.50 2.93
N TRP A 30 2.39 -11.60 2.31
CA TRP A 30 0.93 -11.77 2.21
C TRP A 30 0.46 -11.68 0.77
N TRP A 31 1.27 -12.15 -0.17
CA TRP A 31 0.93 -12.15 -1.59
C TRP A 31 0.34 -13.52 -1.90
N THR A 32 -0.97 -13.64 -1.75
CA THR A 32 -1.67 -14.92 -1.83
C THR A 32 -2.69 -14.84 -2.95
N GLY A 33 -2.41 -15.49 -4.06
CA GLY A 33 -3.33 -15.55 -5.18
C GLY A 33 -3.36 -14.28 -6.01
N GLY A 34 -3.94 -14.42 -7.21
CA GLY A 34 -4.24 -13.27 -8.03
C GLY A 34 -2.99 -12.61 -8.60
N GLY A 35 -3.12 -11.29 -8.79
CA GLY A 35 -2.00 -10.52 -9.31
C GLY A 35 -0.82 -10.48 -8.35
N GLU A 36 -1.09 -10.51 -7.05
CA GLU A 36 -0.02 -10.55 -6.06
C GLU A 36 0.89 -11.76 -6.28
N ALA A 37 0.30 -12.96 -6.36
CA ALA A 37 1.08 -14.17 -6.53
C ALA A 37 1.77 -14.21 -7.89
N LYS A 38 1.10 -13.74 -8.94
CA LYS A 38 1.71 -13.72 -10.26
C LYS A 38 3.00 -12.92 -10.26
N ALA A 39 2.97 -11.73 -9.69
CA ALA A 39 4.17 -10.89 -9.60
C ALA A 39 5.23 -11.55 -8.73
N LEU A 40 4.83 -12.09 -7.58
CA LEU A 40 5.79 -12.76 -6.71
C LEU A 40 6.48 -13.92 -7.42
N LYS A 41 5.73 -14.63 -8.28
CA LYS A 41 6.29 -15.72 -9.07
C LYS A 41 7.54 -15.30 -9.82
N VAL A 42 7.57 -14.05 -10.31
CA VAL A 42 8.75 -13.54 -10.99
C VAL A 42 9.97 -13.64 -10.08
N LEU A 43 9.81 -13.22 -8.83
CA LEU A 43 10.92 -13.28 -7.89
C LEU A 43 11.29 -14.71 -7.56
N GLN A 44 10.30 -15.54 -7.27
CA GLN A 44 10.58 -16.94 -6.95
C GLN A 44 11.34 -17.64 -8.08
N ASP A 45 10.95 -17.39 -9.32
CA ASP A 45 11.66 -18.01 -10.45
C ASP A 45 13.10 -17.53 -10.56
N GLU A 46 13.35 -16.24 -10.34
CA GLU A 46 14.73 -15.75 -10.42
C GLU A 46 15.56 -16.31 -9.27
N PHE A 47 14.96 -16.45 -8.10
CA PHE A 47 15.69 -17.01 -6.97
C PHE A 47 16.06 -18.47 -7.22
N ALA A 48 15.13 -19.24 -7.78
CA ALA A 48 15.43 -20.64 -8.08
C ALA A 48 16.43 -20.76 -9.23
N ALA A 49 16.48 -19.78 -10.13
CA ALA A 49 17.41 -19.82 -11.24
C ALA A 49 18.86 -19.68 -10.78
N GLN A 50 19.06 -19.14 -9.57
CA GLN A 50 20.37 -19.07 -8.93
C GLN A 50 20.51 -20.14 -7.84
N ASN A 51 19.76 -21.23 -7.94
CA ASN A 51 19.80 -22.35 -7.01
C ASN A 51 19.35 -22.00 -5.60
N GLY A 52 18.58 -20.92 -5.44
CA GLY A 52 18.03 -20.61 -4.13
C GLY A 52 16.87 -21.53 -3.79
N VAL A 53 16.75 -21.84 -2.50
CA VAL A 53 15.68 -22.71 -2.00
C VAL A 53 14.68 -21.83 -1.27
N TRP A 54 13.53 -21.63 -1.90
CA TRP A 54 12.49 -20.75 -1.38
C TRP A 54 11.60 -21.52 -0.41
N LEU A 55 11.52 -21.06 0.82
CA LEU A 55 10.70 -21.69 1.85
C LEU A 55 9.50 -20.77 2.05
N ASP A 56 8.39 -21.09 1.41
CA ASP A 56 7.26 -20.17 1.37
C ASP A 56 6.56 -20.11 2.73
N MET A 57 6.35 -18.89 3.23
CA MET A 57 5.65 -18.64 4.49
C MET A 57 4.58 -17.57 4.24
N PRO A 58 3.54 -17.87 3.48
CA PRO A 58 2.49 -16.86 3.24
C PRO A 58 1.58 -16.73 4.45
N VAL A 59 1.15 -15.49 4.71
CA VAL A 59 0.15 -15.23 5.74
C VAL A 59 -0.95 -14.40 5.07
N SER A 60 -2.06 -15.07 4.74
CA SER A 60 -3.13 -14.45 3.98
C SER A 60 -3.77 -13.33 4.80
N GLY A 61 -3.99 -12.19 4.17
CA GLY A 61 -4.62 -11.09 4.87
C GLY A 61 -4.30 -9.77 4.22
N GLY A 62 -5.30 -9.19 3.55
CA GLY A 62 -5.09 -7.97 2.79
C GLY A 62 -4.42 -6.89 3.61
N GLY A 63 -3.40 -6.25 3.03
CA GLY A 63 -2.73 -5.16 3.68
C GLY A 63 -1.68 -5.52 4.71
N GLY A 64 -1.61 -6.79 5.15
CA GLY A 64 -0.48 -7.25 5.93
C GLY A 64 -0.63 -7.24 7.44
N ASP A 65 -1.75 -6.72 7.98
CA ASP A 65 -1.91 -6.72 9.43
C ASP A 65 -1.79 -8.12 10.02
N ALA A 66 -2.40 -9.13 9.37
CA ALA A 66 -2.32 -10.48 9.91
C ALA A 66 -0.90 -11.02 9.83
N ALA A 67 -0.25 -10.80 8.68
CA ALA A 67 1.17 -11.17 8.56
C ALA A 67 2.00 -10.49 9.65
N MET A 68 1.71 -9.23 9.95
CA MET A 68 2.47 -8.51 10.97
C MET A 68 2.32 -9.15 12.34
N GLN A 69 1.12 -9.62 12.68
CA GLN A 69 0.90 -10.32 13.93
C GLN A 69 1.62 -11.67 13.95
N THR A 70 1.51 -12.44 12.86
CA THR A 70 2.25 -13.69 12.79
C THR A 70 3.75 -13.44 12.78
N LEU A 71 4.19 -12.35 12.14
CA LEU A 71 5.62 -12.05 12.12
C LEU A 71 6.13 -11.74 13.52
N LYS A 72 5.40 -10.93 14.29
CA LYS A 72 5.81 -10.61 15.64
C LYS A 72 5.90 -11.87 16.49
N ALA A 73 4.92 -12.76 16.36
CA ALA A 73 4.96 -14.01 17.13
C ALA A 73 6.17 -14.86 16.75
N ARG A 74 6.52 -14.91 15.46
CA ARG A 74 7.68 -15.70 15.05
C ARG A 74 8.96 -15.18 15.69
N ILE A 75 9.11 -13.86 15.75
CA ILE A 75 10.31 -13.27 16.33
C ILE A 75 10.30 -13.38 17.84
N VAL A 76 9.12 -13.34 18.47
CA VAL A 76 9.09 -13.55 19.92
C VAL A 76 9.45 -15.00 20.25
N ALA A 77 9.14 -15.93 19.34
CA ALA A 77 9.48 -17.33 19.51
C ALA A 77 10.92 -17.67 19.08
N ASN A 78 11.72 -16.66 18.74
CA ASN A 78 13.08 -16.85 18.22
C ASN A 78 13.08 -17.77 17.00
N ASP A 79 12.15 -17.51 16.09
CA ASP A 79 11.96 -18.27 14.87
C ASP A 79 11.83 -17.34 13.68
N ALA A 80 12.73 -16.35 13.58
CA ALA A 80 12.59 -15.33 12.56
C ALA A 80 12.79 -15.95 11.18
N PRO A 81 11.93 -15.66 10.21
CA PRO A 81 12.21 -16.05 8.85
C PRO A 81 13.43 -15.31 8.34
N ALA A 82 14.05 -15.86 7.29
CA ALA A 82 15.16 -15.19 6.66
C ALA A 82 14.76 -13.83 6.10
N ALA A 83 13.54 -13.72 5.55
CA ALA A 83 13.09 -12.48 4.96
C ALA A 83 11.62 -12.26 5.27
N ALA A 84 11.23 -11.01 5.50
CA ALA A 84 9.82 -10.71 5.75
C ALA A 84 9.39 -9.47 4.98
N GLN A 85 8.19 -9.54 4.37
CA GLN A 85 7.54 -8.35 3.84
C GLN A 85 7.17 -7.40 4.98
N ILE A 86 7.51 -6.13 4.83
CA ILE A 86 7.47 -5.20 5.94
C ILE A 86 7.45 -3.78 5.39
N LYS A 87 7.03 -2.83 6.23
CA LYS A 87 6.80 -1.46 5.78
C LYS A 87 7.49 -0.47 6.71
N GLY A 88 8.21 0.48 6.10
CA GLY A 88 8.58 1.72 6.73
C GLY A 88 9.17 1.61 8.14
N PRO A 89 8.59 2.38 9.07
CA PRO A 89 9.14 2.42 10.43
C PRO A 89 9.05 1.11 11.18
N THR A 90 8.31 0.11 10.68
CA THR A 90 8.40 -1.20 11.30
C THR A 90 9.77 -1.81 11.11
N ILE A 91 10.44 -1.48 10.00
CA ILE A 91 11.83 -1.90 9.81
C ILE A 91 12.70 -1.39 10.95
N GLN A 92 12.65 -0.09 11.21
CA GLN A 92 13.50 0.46 12.26
C GLN A 92 13.07 -0.02 13.64
N GLU A 93 11.79 -0.33 13.82
CA GLU A 93 11.34 -0.78 15.14
C GLU A 93 11.84 -2.19 15.44
N TYR A 94 11.91 -3.06 14.43
CA TYR A 94 12.53 -4.36 14.64
C TYR A 94 14.03 -4.22 14.87
N ASP A 95 14.67 -3.31 14.13
CA ASP A 95 16.09 -3.06 14.38
C ASP A 95 16.33 -2.67 15.82
N GLU A 96 15.46 -1.81 16.38
CA GLU A 96 15.61 -1.42 17.78
C GLU A 96 15.41 -2.61 18.70
N GLU A 97 14.67 -3.63 18.27
CA GLU A 97 14.58 -4.87 19.02
C GLU A 97 15.90 -5.64 19.05
N GLY A 98 16.84 -5.29 18.17
CA GLY A 98 18.12 -5.95 18.15
C GLY A 98 18.17 -7.26 17.40
N VAL A 99 17.20 -7.50 16.52
CA VAL A 99 16.99 -8.81 15.88
C VAL A 99 17.40 -8.82 14.42
N VAL A 100 17.94 -7.73 13.90
CA VAL A 100 18.26 -7.62 12.49
C VAL A 100 19.76 -7.69 12.24
N ALA A 101 20.56 -7.03 13.08
CA ALA A 101 22.00 -7.07 12.91
C ALA A 101 22.52 -8.51 13.00
N PRO A 102 23.67 -8.82 12.35
CA PRO A 102 24.46 -7.93 11.49
C PRO A 102 23.78 -7.71 10.14
N TYR A 103 24.11 -6.59 9.49
CA TYR A 103 23.42 -6.16 8.28
C TYR A 103 24.16 -6.70 7.06
N ASN A 104 24.04 -8.02 6.88
CA ASN A 104 24.76 -8.71 5.81
C ASN A 104 24.35 -8.26 4.41
N ILE A 105 23.19 -7.62 4.24
CA ILE A 105 22.81 -7.19 2.89
C ILE A 105 23.32 -5.79 2.60
N ASP A 106 23.79 -5.05 3.60
CA ASP A 106 24.37 -3.75 3.31
C ASP A 106 25.63 -3.90 2.47
N ALA A 107 26.37 -5.00 2.64
CA ALA A 107 27.46 -5.31 1.72
C ALA A 107 26.96 -5.34 0.28
N VAL A 108 25.75 -5.88 0.07
CA VAL A 108 25.18 -5.89 -1.27
C VAL A 108 24.81 -4.48 -1.70
N ALA A 109 24.24 -3.70 -0.79
CA ALA A 109 23.77 -2.35 -1.11
C ALA A 109 24.93 -1.41 -1.44
N LYS A 110 26.06 -1.52 -0.71
CA LYS A 110 27.21 -0.66 -1.00
C LYS A 110 27.86 -1.01 -2.34
N LYS A 111 28.10 -2.31 -2.60
CA LYS A 111 28.75 -2.68 -3.85
C LYS A 111 27.93 -2.27 -5.06
N GLU A 112 26.60 -2.36 -4.96
CA GLU A 112 25.69 -2.05 -6.06
C GLU A 112 25.25 -0.59 -6.08
N GLY A 113 25.64 0.20 -5.07
CA GLY A 113 25.38 1.63 -5.08
C GLY A 113 23.93 2.04 -4.91
N TRP A 114 23.20 1.39 -4.00
CA TRP A 114 21.77 1.63 -3.85
C TRP A 114 21.43 3.08 -3.57
N ASP A 115 22.30 3.81 -2.85
CA ASP A 115 21.98 5.21 -2.56
C ASP A 115 21.82 6.03 -3.83
N ASN A 116 22.38 5.57 -4.95
CA ASN A 116 22.25 6.26 -6.22
C ASN A 116 21.13 5.69 -7.08
N LEU A 117 20.45 4.65 -6.62
CA LEU A 117 19.38 4.00 -7.37
C LEU A 117 18.01 4.23 -6.76
N LEU A 118 17.93 4.88 -5.59
CA LEU A 118 16.68 5.06 -4.87
C LEU A 118 16.57 6.53 -4.47
N SER A 119 15.33 7.00 -4.37
CA SER A 119 15.10 8.31 -3.80
C SER A 119 15.67 8.36 -2.40
N LYS A 120 15.99 9.59 -1.94
CA LYS A 120 16.47 9.75 -0.58
C LYS A 120 15.44 9.25 0.41
N GLN A 121 14.17 9.48 0.12
CA GLN A 121 13.13 9.07 1.06
C GLN A 121 13.04 7.55 1.15
N VAL A 122 13.05 6.87 0.01
CA VAL A 122 12.98 5.40 0.05
C VAL A 122 14.23 4.84 0.70
N ALA A 123 15.39 5.45 0.40
CA ALA A 123 16.64 5.01 1.01
C ALA A 123 16.59 5.08 2.54
N SER A 124 16.10 6.21 3.07
CA SER A 124 15.87 6.31 4.51
C SER A 124 15.11 5.11 5.05
N HIS A 125 13.98 4.78 4.41
CA HIS A 125 13.08 3.75 4.92
C HIS A 125 13.78 2.39 5.04
N MET A 126 14.76 2.14 4.18
CA MET A 126 15.42 0.86 4.03
C MET A 126 16.55 0.63 5.01
N LYS A 127 16.90 1.62 5.83
CA LYS A 127 18.16 1.63 6.55
C LYS A 127 17.98 1.42 8.06
N CYS A 128 18.95 0.74 8.63
CA CYS A 128 19.04 0.41 10.05
C CYS A 128 20.26 1.11 10.64
N ASP A 129 20.51 0.85 11.92
CA ASP A 129 21.65 1.40 12.65
C ASP A 129 21.71 2.93 12.51
N ASP A 130 20.61 3.55 12.94
CA ASP A 130 20.38 4.99 12.82
C ASP A 130 20.79 5.51 11.44
N GLY A 131 20.25 4.86 10.40
CA GLY A 131 20.47 5.30 9.03
C GLY A 131 21.82 4.96 8.45
N LYS A 132 22.59 4.08 9.09
CA LYS A 132 23.94 3.79 8.63
C LYS A 132 24.04 2.57 7.71
N ALA A 133 23.08 1.64 7.75
CA ALA A 133 23.20 0.41 7.00
C ALA A 133 21.86 -0.03 6.44
N TYR A 134 21.87 -0.46 5.18
CA TYR A 134 20.70 -1.09 4.58
C TYR A 134 20.43 -2.42 5.26
N CYS A 135 19.17 -2.67 5.55
CA CYS A 135 18.73 -3.91 6.16
C CYS A 135 17.46 -4.43 5.51
N ALA A 136 16.92 -3.72 4.52
CA ALA A 136 15.72 -4.11 3.80
C ALA A 136 15.92 -3.75 2.33
N ALA A 137 15.36 -4.57 1.44
CA ALA A 137 15.32 -4.27 0.00
C ALA A 137 13.93 -3.83 -0.43
N PRO A 138 13.79 -2.70 -1.14
CA PRO A 138 12.52 -2.33 -1.77
C PRO A 138 12.37 -2.91 -3.16
N VAL A 139 11.13 -3.23 -3.52
CA VAL A 139 10.86 -3.72 -4.86
C VAL A 139 9.98 -2.78 -5.67
N ASN A 140 9.28 -1.82 -5.06
CA ASN A 140 8.26 -1.11 -5.80
C ASN A 140 7.82 0.16 -5.06
N ILE A 141 6.96 0.91 -5.73
CA ILE A 141 6.16 1.98 -5.12
C ILE A 141 4.73 1.77 -5.58
N HIS A 142 3.87 1.34 -4.66
CA HIS A 142 2.44 1.39 -4.83
C HIS A 142 1.93 2.80 -4.53
N ARG A 143 0.81 3.14 -5.15
CA ARG A 143 0.12 4.40 -4.93
C ARG A 143 -1.24 4.09 -4.35
N ILE A 144 -1.66 4.83 -3.33
CA ILE A 144 -2.92 4.54 -2.66
C ILE A 144 -4.07 5.33 -3.26
N ASP A 145 -3.83 6.59 -3.65
CA ASP A 145 -4.92 7.51 -3.96
C ASP A 145 -5.43 7.33 -5.40
N TRP A 146 -6.03 6.15 -5.65
CA TRP A 146 -6.59 5.79 -6.96
C TRP A 146 -8.08 5.47 -6.87
N ILE A 147 -8.83 5.84 -7.92
CA ILE A 147 -10.17 5.34 -8.18
C ILE A 147 -10.15 4.49 -9.45
N TRP A 148 -10.70 3.29 -9.38
CA TRP A 148 -10.88 2.41 -10.52
C TRP A 148 -12.36 2.35 -10.88
N ALA A 149 -12.66 2.45 -12.17
CA ALA A 149 -14.06 2.42 -12.59
C ALA A 149 -14.25 1.48 -13.77
N ASN A 150 -15.42 0.85 -13.83
CA ASN A 150 -15.81 0.05 -14.97
C ASN A 150 -16.23 0.98 -16.11
N LYS A 151 -15.53 0.91 -17.24
CA LYS A 151 -15.78 1.85 -18.32
C LYS A 151 -17.17 1.67 -18.91
N LYS A 152 -17.62 0.43 -19.08
CA LYS A 152 -18.94 0.21 -19.67
C LYS A 152 -20.04 0.75 -18.77
N VAL A 153 -19.88 0.60 -17.45
CA VAL A 153 -20.88 1.11 -16.52
C VAL A 153 -20.95 2.65 -16.59
N LEU A 154 -19.80 3.32 -16.57
CA LEU A 154 -19.81 4.78 -16.64
C LEU A 154 -20.34 5.27 -17.99
N ASP A 155 -19.87 4.71 -19.10
CA ASP A 155 -20.41 5.11 -20.39
C ASP A 155 -21.91 4.85 -20.47
N SER A 156 -22.36 3.71 -19.91
CA SER A 156 -23.77 3.34 -19.98
C SER A 156 -24.66 4.30 -19.23
N ASN A 157 -24.11 4.96 -18.22
CA ASN A 157 -24.87 5.82 -17.33
C ASN A 157 -24.60 7.30 -17.61
N GLY A 158 -23.93 7.61 -18.72
CA GLY A 158 -23.56 8.98 -19.05
C GLY A 158 -22.76 9.71 -17.98
N ILE A 159 -21.78 9.04 -17.37
CA ILE A 159 -21.03 9.59 -16.25
C ILE A 159 -19.58 9.81 -16.67
N LYS A 160 -19.11 11.05 -16.52
CA LYS A 160 -17.71 11.39 -16.63
C LYS A 160 -16.97 10.91 -15.38
N MET A 161 -15.70 10.57 -15.53
CA MET A 161 -14.95 10.21 -14.35
C MET A 161 -14.78 11.40 -13.42
N PRO A 162 -15.12 11.28 -12.14
CA PRO A 162 -15.14 12.44 -11.26
C PRO A 162 -13.74 12.88 -10.91
N SER A 163 -13.60 14.19 -10.63
CA SER A 163 -12.34 14.75 -10.19
C SER A 163 -12.45 15.46 -8.86
N THR A 164 -13.65 15.61 -8.31
CA THR A 164 -13.85 16.11 -6.95
C THR A 164 -14.79 15.18 -6.21
N TRP A 165 -14.85 15.33 -4.90
CA TRP A 165 -15.77 14.48 -4.14
C TRP A 165 -17.21 14.89 -4.41
N ALA A 166 -17.45 16.18 -4.59
CA ALA A 166 -18.78 16.63 -4.99
C ALA A 166 -19.19 15.97 -6.31
N GLU A 167 -18.28 15.93 -7.28
CA GLU A 167 -18.58 15.23 -8.53
C GLU A 167 -18.72 13.73 -8.32
N PHE A 168 -17.93 13.16 -7.41
CA PHE A 168 -18.07 11.72 -7.14
C PHE A 168 -19.43 11.42 -6.51
N ASN A 169 -19.81 12.17 -5.49
CA ASN A 169 -21.10 11.94 -4.81
C ASN A 169 -22.26 12.07 -5.79
N ALA A 170 -22.16 13.01 -6.74
CA ALA A 170 -23.21 13.18 -7.73
C ALA A 170 -23.27 11.99 -8.68
N ALA A 171 -22.11 11.50 -9.11
CA ALA A 171 -22.09 10.30 -9.93
C ALA A 171 -22.61 9.10 -9.16
N ALA A 172 -22.23 8.98 -7.89
CA ALA A 172 -22.70 7.86 -7.08
C ALA A 172 -24.23 7.90 -6.90
N ASP A 173 -24.80 9.08 -6.69
CA ASP A 173 -26.24 9.19 -6.56
C ASP A 173 -26.93 8.73 -7.84
N LYS A 174 -26.37 9.10 -9.00
CA LYS A 174 -27.00 8.73 -10.24
C LYS A 174 -26.95 7.24 -10.46
N LEU A 175 -25.80 6.61 -10.17
CA LEU A 175 -25.68 5.16 -10.32
C LEU A 175 -26.57 4.44 -9.34
N GLN A 176 -26.59 4.89 -8.10
CA GLN A 176 -27.49 4.32 -7.11
C GLN A 176 -28.94 4.40 -7.58
N ALA A 177 -29.33 5.51 -8.20
CA ALA A 177 -30.73 5.62 -8.62
C ALA A 177 -31.01 4.72 -9.81
N ASN A 178 -29.97 4.29 -10.54
CA ASN A 178 -30.11 3.34 -11.63
C ASN A 178 -29.86 1.89 -11.19
N GLY A 179 -29.92 1.63 -9.90
CA GLY A 179 -29.86 0.26 -9.41
C GLY A 179 -28.48 -0.34 -9.45
N ILE A 180 -27.44 0.48 -9.46
CA ILE A 180 -26.05 0.02 -9.58
C ILE A 180 -25.34 0.36 -8.29
N ILE A 181 -24.61 -0.61 -7.73
CA ILE A 181 -23.75 -0.37 -6.58
C ILE A 181 -22.67 0.62 -6.98
N PRO A 182 -22.65 1.83 -6.43
CA PRO A 182 -21.67 2.81 -6.91
C PRO A 182 -20.24 2.47 -6.52
N LEU A 183 -20.03 1.99 -5.30
CA LEU A 183 -18.68 1.81 -4.75
C LEU A 183 -18.54 0.39 -4.24
N ALA A 184 -17.68 -0.38 -4.89
CA ALA A 184 -17.31 -1.70 -4.39
C ALA A 184 -16.24 -1.53 -3.33
N HIS A 185 -16.51 -2.08 -2.15
CA HIS A 185 -15.66 -1.84 -0.99
C HIS A 185 -15.80 -3.03 -0.07
N GLY A 186 -14.70 -3.43 0.56
CA GLY A 186 -14.72 -4.41 1.63
C GLY A 186 -14.44 -3.71 2.94
N SER A 187 -15.34 -3.87 3.91
CA SER A 187 -15.15 -3.18 5.18
C SER A 187 -14.35 -4.09 6.10
N GLN A 188 -13.04 -3.88 6.12
CA GLN A 188 -12.08 -4.43 7.05
C GLN A 188 -11.27 -3.23 7.53
N PRO A 189 -10.70 -3.29 8.74
CA PRO A 189 -10.10 -2.07 9.32
C PRO A 189 -9.12 -1.39 8.38
N TRP A 190 -8.14 -2.14 7.87
CA TRP A 190 -7.14 -1.56 6.98
C TRP A 190 -7.78 -1.01 5.71
N GLN A 191 -8.86 -1.65 5.24
CA GLN A 191 -9.47 -1.28 3.98
C GLN A 191 -10.29 0.00 4.12
N ASP A 192 -11.04 0.12 5.22
CA ASP A 192 -11.63 1.39 5.59
C ASP A 192 -10.56 2.47 5.68
N ALA A 193 -9.42 2.15 6.31
CA ALA A 193 -8.39 3.15 6.49
C ALA A 193 -7.75 3.57 5.18
N THR A 194 -7.65 2.64 4.21
CA THR A 194 -7.12 3.00 2.90
C THR A 194 -7.98 4.06 2.24
N VAL A 195 -9.30 3.86 2.22
CA VAL A 195 -10.19 4.87 1.65
C VAL A 195 -10.08 6.17 2.44
N PHE A 196 -10.04 6.05 3.77
CA PHE A 196 -9.99 7.20 4.66
C PHE A 196 -8.80 8.10 4.35
N GLU A 197 -7.63 7.48 4.19
CA GLU A 197 -6.45 8.29 3.96
C GLU A 197 -6.49 8.98 2.60
N ALA A 198 -7.02 8.32 1.57
CA ALA A 198 -7.18 8.98 0.29
C ALA A 198 -8.16 10.16 0.40
N VAL A 199 -9.23 9.96 1.14
CA VAL A 199 -10.22 11.02 1.36
C VAL A 199 -9.58 12.21 2.07
N ALA A 200 -8.85 11.94 3.17
CA ALA A 200 -8.22 12.99 3.96
C ALA A 200 -7.32 13.87 3.11
N LEU A 201 -6.49 13.25 2.26
CA LEU A 201 -5.61 14.01 1.37
C LEU A 201 -6.40 15.00 0.52
N GLY A 202 -7.57 14.60 0.03
CA GLY A 202 -8.32 15.49 -0.84
C GLY A 202 -9.16 16.51 -0.08
N VAL A 203 -9.76 16.09 1.03
CA VAL A 203 -10.63 17.01 1.74
C VAL A 203 -9.80 18.08 2.45
N GLY A 204 -8.69 17.68 3.06
CA GLY A 204 -7.87 18.61 3.81
C GLY A 204 -6.69 19.18 3.05
N GLY A 205 -6.09 18.41 2.15
CA GLY A 205 -4.93 18.90 1.43
C GLY A 205 -3.64 18.30 1.94
N ASN A 206 -2.55 18.70 1.29
CA ASN A 206 -1.24 18.09 1.59
C ASN A 206 -0.76 18.45 2.99
N ASP A 207 -0.80 19.74 3.33
CA ASP A 207 -0.36 20.15 4.66
C ASP A 207 -1.22 19.50 5.75
N PHE A 208 -2.52 19.40 5.50
CA PHE A 208 -3.39 18.75 6.48
C PHE A 208 -2.98 17.30 6.70
N TYR A 209 -2.81 16.56 5.61
CA TYR A 209 -2.42 15.16 5.72
C TYR A 209 -1.10 15.01 6.47
N ARG A 210 -0.12 15.85 6.14
CA ARG A 210 1.18 15.82 6.82
C ARG A 210 1.02 16.02 8.31
N LYS A 211 0.33 17.10 8.71
CA LYS A 211 0.14 17.43 10.11
C LYS A 211 -0.55 16.29 10.86
N ALA A 212 -1.58 15.71 10.25
CA ALA A 212 -2.39 14.70 10.93
C ALA A 212 -1.63 13.38 11.04
N PHE A 213 -1.09 12.89 9.94
CA PHE A 213 -0.65 11.51 9.85
C PHE A 213 0.86 11.36 9.81
N VAL A 214 1.61 12.43 9.63
CA VAL A 214 3.06 12.39 9.78
C VAL A 214 3.48 13.03 11.10
N ASP A 215 2.96 14.23 11.40
CA ASP A 215 3.26 14.89 12.66
C ASP A 215 2.42 14.38 13.82
N LEU A 216 1.28 13.73 13.56
CA LEU A 216 0.32 13.38 14.63
C LEU A 216 -0.07 14.60 15.47
N ASP A 217 -0.27 15.73 14.79
CA ASP A 217 -0.65 16.97 15.48
C ASP A 217 -2.05 16.84 16.07
N ALA A 218 -2.15 16.92 17.40
CA ALA A 218 -3.42 16.70 18.08
C ALA A 218 -4.51 17.66 17.59
N ALA A 219 -4.18 18.96 17.51
CA ALA A 219 -5.20 19.91 17.05
C ALA A 219 -5.73 19.55 15.67
N THR A 220 -4.89 18.97 14.80
CA THR A 220 -5.33 18.60 13.47
C THR A 220 -6.17 17.33 13.49
N LEU A 221 -5.74 16.34 14.29
CA LEU A 221 -6.41 15.04 14.33
C LEU A 221 -7.84 15.15 14.83
N GLY A 222 -8.12 16.09 15.75
CA GLY A 222 -9.47 16.25 16.25
C GLY A 222 -10.19 17.50 15.77
N GLY A 223 -9.74 18.12 14.68
CA GLY A 223 -10.22 19.42 14.32
C GLY A 223 -11.40 19.39 13.34
N SER A 224 -11.82 20.59 12.93
CA SER A 224 -12.95 20.65 12.02
C SER A 224 -12.59 20.23 10.60
N THR A 225 -11.32 20.29 10.19
CA THR A 225 -11.03 19.70 8.88
C THR A 225 -11.18 18.19 8.92
N MET A 226 -10.73 17.56 10.01
CA MET A 226 -10.96 16.13 10.15
C MET A 226 -12.45 15.79 10.24
N THR A 227 -13.26 16.68 10.81
CA THR A 227 -14.70 16.45 10.78
C THR A 227 -15.20 16.33 9.36
N LYS A 228 -14.69 17.19 8.46
CA LYS A 228 -15.13 17.12 7.07
C LYS A 228 -14.63 15.85 6.39
N VAL A 229 -13.50 15.30 6.83
CA VAL A 229 -13.06 14.02 6.29
C VAL A 229 -14.04 12.93 6.67
N PHE A 230 -14.45 12.92 7.95
CA PHE A 230 -15.44 11.94 8.38
C PHE A 230 -16.80 12.21 7.75
N ASP A 231 -17.12 13.47 7.45
CA ASP A 231 -18.31 13.75 6.65
C ASP A 231 -18.31 12.95 5.36
N GLN A 232 -17.21 12.99 4.62
CA GLN A 232 -17.20 12.32 3.33
C GLN A 232 -17.18 10.80 3.50
N MET A 233 -16.46 10.31 4.52
CA MET A 233 -16.53 8.89 4.89
C MET A 233 -17.97 8.44 5.10
N ARG A 234 -18.78 9.27 5.77
CA ARG A 234 -20.18 8.92 5.99
C ARG A 234 -20.93 8.84 4.68
N LYS A 235 -20.66 9.76 3.75
CA LYS A 235 -21.29 9.66 2.43
C LYS A 235 -20.86 8.38 1.72
N LEU A 236 -19.57 8.04 1.77
CA LEU A 236 -19.12 6.85 1.04
C LEU A 236 -19.72 5.58 1.60
N LYS A 237 -19.98 5.53 2.91
CA LYS A 237 -20.68 4.40 3.51
C LYS A 237 -21.99 4.12 2.78
N GLY A 238 -22.79 5.15 2.57
CA GLY A 238 -24.08 4.97 1.91
C GLY A 238 -23.98 4.39 0.52
N TYR A 239 -22.82 4.46 -0.11
CA TYR A 239 -22.62 3.99 -1.47
C TYR A 239 -22.10 2.56 -1.55
N THR A 240 -21.94 1.86 -0.44
CA THR A 240 -21.48 0.47 -0.44
C THR A 240 -22.67 -0.45 -0.19
N ASP A 241 -22.46 -1.73 -0.43
CA ASP A 241 -23.56 -2.68 -0.41
C ASP A 241 -23.54 -3.54 0.85
N ALA A 242 -24.66 -4.25 1.07
CA ALA A 242 -24.85 -5.06 2.27
C ALA A 242 -23.80 -6.15 2.42
N GLY A 243 -23.17 -6.59 1.33
CA GLY A 243 -22.14 -7.62 1.43
C GLY A 243 -20.76 -7.12 1.78
N SER A 244 -20.62 -5.81 2.04
CA SER A 244 -19.33 -5.21 2.34
C SER A 244 -18.64 -5.72 3.60
N PRO A 245 -19.33 -5.95 4.73
CA PRO A 245 -18.60 -6.28 5.97
C PRO A 245 -17.69 -7.48 5.78
N GLY A 246 -16.40 -7.27 6.07
CA GLY A 246 -15.44 -8.35 6.00
C GLY A 246 -15.06 -8.83 4.62
N ARG A 247 -15.48 -8.14 3.55
CA ARG A 247 -15.20 -8.57 2.19
C ARG A 247 -13.74 -8.26 1.82
N ASP A 248 -13.10 -9.20 1.13
CA ASP A 248 -11.70 -9.00 0.76
C ASP A 248 -11.56 -7.97 -0.36
N TRP A 249 -10.47 -7.21 -0.30
CA TRP A 249 -10.26 -6.15 -1.28
C TRP A 249 -10.37 -6.66 -2.71
N ASN A 250 -9.91 -7.89 -2.96
CA ASN A 250 -9.88 -8.41 -4.32
C ASN A 250 -11.24 -8.86 -4.79
N VAL A 251 -12.16 -9.16 -3.86
CA VAL A 251 -13.55 -9.39 -4.22
C VAL A 251 -14.17 -8.09 -4.68
N ALA A 252 -13.93 -7.00 -3.94
CA ALA A 252 -14.40 -5.68 -4.37
C ALA A 252 -13.90 -5.37 -5.78
N THR A 253 -12.60 -5.57 -6.03
CA THR A 253 -12.09 -5.35 -7.39
C THR A 253 -12.81 -6.23 -8.39
N GLY A 254 -13.03 -7.50 -8.03
CA GLY A 254 -13.77 -8.38 -8.91
C GLY A 254 -15.14 -7.84 -9.28
N MET A 255 -15.87 -7.26 -8.32
CA MET A 255 -17.18 -6.73 -8.71
C MET A 255 -17.05 -5.54 -9.64
N VAL A 256 -15.96 -4.77 -9.58
CA VAL A 256 -15.82 -3.70 -10.57
C VAL A 256 -15.50 -4.29 -11.94
N MET A 257 -14.62 -5.30 -11.99
CA MET A 257 -14.32 -5.89 -13.31
C MET A 257 -15.54 -6.55 -13.93
N GLU A 258 -16.41 -7.15 -13.14
CA GLU A 258 -17.61 -7.76 -13.70
C GLU A 258 -18.76 -6.78 -13.89
N GLY A 259 -18.55 -5.49 -13.62
CA GLY A 259 -19.66 -4.56 -13.77
C GLY A 259 -20.77 -4.71 -12.75
N LYS A 260 -20.56 -5.49 -11.69
CA LYS A 260 -21.48 -5.50 -10.55
C LYS A 260 -21.42 -4.20 -9.75
N ALA A 261 -20.37 -3.40 -9.92
CA ALA A 261 -20.27 -2.11 -9.27
C ALA A 261 -19.46 -1.15 -10.14
N ALA A 262 -19.58 0.14 -9.85
CA ALA A 262 -18.99 1.15 -10.75
C ALA A 262 -17.57 1.51 -10.36
N PHE A 263 -17.33 1.80 -9.08
CA PHE A 263 -16.07 2.35 -8.59
C PHE A 263 -15.44 1.46 -7.52
N GLN A 264 -14.11 1.50 -7.42
CA GLN A 264 -13.40 1.07 -6.23
C GLN A 264 -12.32 2.08 -5.90
N ILE A 265 -12.24 2.47 -4.62
CA ILE A 265 -11.19 3.37 -4.15
C ILE A 265 -10.13 2.49 -3.50
N MET A 266 -8.96 2.38 -4.12
CA MET A 266 -8.00 1.37 -3.67
C MET A 266 -6.64 1.60 -4.34
N GLY A 267 -5.58 1.13 -3.67
CA GLY A 267 -4.24 1.25 -4.24
C GLY A 267 -4.04 0.37 -5.46
N ASP A 268 -2.95 0.64 -6.22
CA ASP A 268 -2.87 0.07 -7.56
C ASP A 268 -2.40 -1.41 -7.57
N TRP A 269 -2.45 -2.10 -6.43
CA TRP A 269 -2.52 -3.56 -6.51
C TRP A 269 -3.82 -4.02 -7.14
N ALA A 270 -4.86 -3.17 -7.10
CA ALA A 270 -6.08 -3.47 -7.85
C ALA A 270 -5.77 -3.64 -9.33
N LYS A 271 -4.82 -2.86 -9.85
CA LYS A 271 -4.40 -2.99 -11.24
C LYS A 271 -3.77 -4.35 -11.55
N GLY A 272 -3.12 -4.97 -10.55
CA GLY A 272 -2.66 -6.33 -10.77
C GLY A 272 -3.78 -7.28 -11.11
N GLU A 273 -4.97 -7.08 -10.51
CA GLU A 273 -6.12 -7.91 -10.83
C GLU A 273 -6.67 -7.60 -12.22
N PHE A 274 -6.80 -6.31 -12.56
CA PHE A 274 -7.28 -5.97 -13.89
C PHE A 274 -6.38 -6.59 -14.95
N ALA A 275 -5.06 -6.45 -14.78
CA ALA A 275 -4.11 -7.01 -15.72
C ALA A 275 -4.22 -8.53 -15.79
N ALA A 276 -4.33 -9.20 -14.64
CA ALA A 276 -4.41 -10.66 -14.62
C ALA A 276 -5.70 -11.19 -15.24
N ASN A 277 -6.69 -10.32 -15.43
CA ASN A 277 -7.92 -10.67 -16.13
C ASN A 277 -7.97 -10.04 -17.52
N ASN A 278 -6.81 -9.68 -18.07
CA ASN A 278 -6.69 -9.21 -19.45
C ASN A 278 -7.53 -7.98 -19.74
N MET A 279 -7.76 -7.09 -18.76
CA MET A 279 -8.36 -5.81 -19.10
C MET A 279 -7.32 -4.68 -19.05
N ALA A 280 -7.50 -3.71 -19.98
CA ALA A 280 -6.58 -2.62 -20.26
C ALA A 280 -7.17 -1.30 -19.84
N PRO A 281 -6.36 -0.39 -19.29
CA PRO A 281 -6.86 0.95 -18.98
C PRO A 281 -7.24 1.67 -20.25
N GLY A 282 -8.29 2.47 -20.16
CA GLY A 282 -8.78 3.17 -21.32
C GLY A 282 -9.81 2.40 -22.08
N LYS A 283 -9.55 1.12 -22.34
CA LYS A 283 -10.47 0.30 -23.14
C LYS A 283 -11.52 -0.39 -22.28
N ASP A 284 -11.11 -0.89 -21.11
CA ASP A 284 -11.93 -1.72 -20.25
C ASP A 284 -12.24 -1.10 -18.92
N TYR A 285 -11.33 -0.29 -18.38
CA TYR A 285 -11.55 0.34 -17.10
C TYR A 285 -10.83 1.68 -17.10
N ILE A 286 -11.30 2.56 -16.23
CA ILE A 286 -10.73 3.89 -16.09
C ILE A 286 -10.01 3.94 -14.76
N CYS A 287 -8.84 4.58 -14.74
CA CYS A 287 -8.11 4.84 -13.50
C CYS A 287 -7.87 6.35 -13.43
N ALA A 288 -8.29 6.95 -12.32
CA ALA A 288 -8.01 8.36 -12.04
C ALA A 288 -7.67 8.52 -10.57
N PRO A 289 -6.75 9.42 -10.23
CA PRO A 289 -6.44 9.62 -8.80
C PRO A 289 -7.66 10.11 -8.04
N THR A 290 -7.72 9.77 -6.76
CA THR A 290 -8.67 10.45 -5.91
C THR A 290 -8.31 11.94 -5.89
N PRO A 291 -9.28 12.80 -5.54
CA PRO A 291 -8.99 14.24 -5.55
C PRO A 291 -7.84 14.59 -4.63
N SER A 292 -7.00 15.51 -5.09
CA SER A 292 -5.91 16.03 -4.28
C SER A 292 -5.42 17.30 -4.94
N ASN A 293 -4.60 18.06 -4.21
CA ASN A 293 -3.83 19.16 -4.79
C ASN A 293 -2.40 18.68 -5.01
N ASN A 294 -2.15 18.08 -6.18
CA ASN A 294 -0.86 17.45 -6.50
C ASN A 294 -0.39 16.54 -5.38
N GLY A 295 -1.30 15.70 -4.92
CA GLY A 295 -0.99 14.75 -3.87
C GLY A 295 -0.64 13.38 -4.43
N TYR A 296 -0.01 12.57 -3.58
CA TYR A 296 0.39 11.21 -3.92
C TYR A 296 0.70 10.49 -2.62
N LEU A 297 0.01 9.39 -2.35
CA LEU A 297 0.26 8.59 -1.15
C LEU A 297 1.05 7.36 -1.56
N TYR A 298 2.32 7.28 -1.13
CA TYR A 298 3.21 6.21 -1.56
C TYR A 298 3.26 5.07 -0.54
N ASN A 299 3.64 3.90 -1.06
CA ASN A 299 3.67 2.64 -0.32
C ASN A 299 4.76 1.78 -0.94
N VAL A 300 5.77 1.43 -0.17
CA VAL A 300 6.93 0.67 -0.66
C VAL A 300 6.86 -0.74 -0.07
N ASP A 301 6.65 -1.75 -0.92
CA ASP A 301 6.80 -3.12 -0.45
C ASP A 301 8.28 -3.36 -0.28
N SER A 302 8.70 -3.84 0.87
CA SER A 302 10.12 -4.13 1.07
C SER A 302 10.26 -5.37 1.92
N PHE A 303 11.46 -5.97 1.87
CA PHE A 303 11.72 -7.17 2.65
C PHE A 303 12.89 -6.88 3.57
N ILE A 304 12.68 -7.10 4.86
CA ILE A 304 13.75 -7.01 5.86
C ILE A 304 14.41 -8.39 5.99
N PHE A 305 15.72 -8.39 6.26
CA PHE A 305 16.46 -9.63 6.44
C PHE A 305 16.94 -9.71 7.89
N TYR A 306 16.44 -10.70 8.61
CA TYR A 306 16.65 -10.83 10.04
C TYR A 306 17.95 -11.57 10.33
N LYS A 307 18.42 -11.44 11.57
CA LYS A 307 19.52 -12.27 12.05
C LYS A 307 19.08 -13.72 12.07
N VAL A 308 19.84 -14.57 11.41
CA VAL A 308 19.41 -15.91 11.08
C VAL A 308 20.58 -16.84 11.29
N LYS A 309 20.29 -18.12 11.57
CA LYS A 309 21.34 -19.12 11.77
C LYS A 309 21.59 -19.85 10.47
N GLY A 310 22.82 -19.77 9.98
CA GLY A 310 23.24 -20.59 8.86
C GLY A 310 23.86 -19.81 7.72
N LYS A 311 25.04 -20.22 7.25
CA LYS A 311 25.66 -19.54 6.12
C LYS A 311 24.81 -19.66 4.85
N ASP A 312 24.10 -20.77 4.68
CA ASP A 312 23.22 -20.90 3.51
C ASP A 312 22.09 -19.89 3.55
N LYS A 313 21.63 -19.49 4.73
CA LYS A 313 20.55 -18.52 4.79
C LYS A 313 21.08 -17.08 4.62
N VAL A 314 22.31 -16.81 5.04
CA VAL A 314 22.91 -15.50 4.75
C VAL A 314 23.10 -15.31 3.25
N GLU A 315 23.57 -16.34 2.55
CA GLU A 315 23.71 -16.21 1.10
C GLU A 315 22.34 -16.14 0.44
N GLY A 316 21.36 -16.88 0.98
CA GLY A 316 19.99 -16.70 0.54
C GLY A 316 19.52 -15.27 0.69
N GLN A 317 19.84 -14.64 1.81
CA GLN A 317 19.41 -13.26 2.07
C GLN A 317 20.09 -12.29 1.12
N LYS A 318 21.42 -12.39 0.97
CA LYS A 318 22.11 -11.50 0.06
C LYS A 318 21.67 -11.75 -1.38
N LEU A 319 21.36 -12.99 -1.73
CA LEU A 319 20.88 -13.25 -3.09
C LEU A 319 19.50 -12.64 -3.32
N LEU A 320 18.63 -12.68 -2.30
CA LEU A 320 17.31 -12.08 -2.44
C LEU A 320 17.40 -10.57 -2.60
N ALA A 321 18.17 -9.93 -1.73
CA ALA A 321 18.38 -8.48 -1.80
C ALA A 321 18.82 -8.05 -3.21
N SER A 322 19.83 -8.72 -3.77
CA SER A 322 20.31 -8.37 -5.10
C SER A 322 19.22 -8.54 -6.16
N LEU A 323 18.59 -9.72 -6.19
CA LEU A 323 17.55 -9.98 -7.17
C LEU A 323 16.44 -8.94 -7.08
N MET A 324 16.09 -8.56 -5.86
CA MET A 324 14.94 -7.70 -5.58
C MET A 324 15.19 -6.29 -6.07
N MET A 325 16.46 -5.91 -6.16
CA MET A 325 16.86 -4.58 -6.60
C MET A 325 17.33 -4.56 -8.05
N GLY A 326 17.09 -5.62 -8.80
CA GLY A 326 17.56 -5.68 -10.18
C GLY A 326 16.72 -4.82 -11.12
N LYS A 327 17.39 -4.25 -12.11
CA LYS A 327 16.73 -3.37 -13.09
C LYS A 327 15.62 -4.11 -13.83
N ASN A 328 15.98 -5.22 -14.47
CA ASN A 328 14.97 -5.96 -15.24
C ASN A 328 13.92 -6.56 -14.31
N PHE A 329 14.32 -7.00 -13.12
CA PHE A 329 13.35 -7.60 -12.21
C PHE A 329 12.26 -6.59 -11.87
N GLN A 330 12.66 -5.38 -11.50
CA GLN A 330 11.64 -4.40 -11.11
C GLN A 330 10.83 -3.93 -12.31
N LYS A 331 11.29 -4.15 -13.54
CA LYS A 331 10.39 -3.83 -14.65
C LYS A 331 9.30 -4.90 -14.77
N VAL A 332 9.70 -6.17 -14.79
CA VAL A 332 8.75 -7.27 -14.97
C VAL A 332 7.87 -7.44 -13.73
N PHE A 333 8.48 -7.43 -12.54
CA PHE A 333 7.67 -7.58 -11.32
C PHE A 333 6.55 -6.54 -11.26
N ASN A 334 6.89 -5.30 -11.57
CA ASN A 334 5.90 -4.25 -11.34
C ASN A 334 4.85 -4.17 -12.44
N ILE A 335 5.18 -4.59 -13.66
CA ILE A 335 4.13 -4.71 -14.68
C ILE A 335 3.03 -5.65 -14.19
N TYR A 336 3.40 -6.77 -13.58
CA TYR A 336 2.42 -7.69 -13.02
C TYR A 336 1.79 -7.16 -11.73
N LYS A 337 2.58 -6.54 -10.86
CA LYS A 337 2.08 -6.17 -9.53
C LYS A 337 1.08 -5.01 -9.59
N GLY A 338 1.26 -4.07 -10.53
CA GLY A 338 0.41 -2.88 -10.61
C GLY A 338 1.07 -1.62 -10.11
N SER A 339 2.21 -1.74 -9.46
CA SER A 339 2.98 -0.63 -8.92
C SER A 339 3.98 -0.14 -9.95
N ILE A 340 4.90 0.75 -9.54
CA ILE A 340 5.98 1.18 -10.40
C ILE A 340 7.28 0.81 -9.68
N PRO A 341 8.43 0.84 -10.36
CA PRO A 341 9.69 0.44 -9.70
C PRO A 341 10.07 1.38 -8.58
N ALA A 342 10.74 0.83 -7.56
CA ALA A 342 11.44 1.68 -6.60
C ALA A 342 12.75 2.21 -7.19
N ARG A 343 13.41 1.41 -8.03
CA ARG A 343 14.63 1.85 -8.71
C ARG A 343 14.37 3.02 -9.65
N LEU A 344 15.25 4.02 -9.60
CA LEU A 344 15.06 5.25 -10.36
C LEU A 344 15.40 5.10 -11.84
N ASP A 345 16.20 4.11 -12.23
CA ASP A 345 16.69 4.04 -13.61
C ASP A 345 15.98 2.99 -14.46
N VAL A 346 14.83 2.50 -14.00
CA VAL A 346 14.07 1.50 -14.74
C VAL A 346 13.20 2.19 -15.78
N SER A 347 13.34 1.78 -17.03
CA SER A 347 12.53 2.33 -18.10
C SER A 347 11.05 2.04 -17.87
N MET A 348 10.23 3.09 -17.93
CA MET A 348 8.77 3.04 -17.82
C MET A 348 8.09 2.75 -19.16
N ASP A 349 8.87 2.54 -20.23
CA ASP A 349 8.32 2.56 -21.59
C ASP A 349 7.29 1.47 -21.82
N GLU A 350 7.47 0.32 -21.18
CA GLU A 350 6.61 -0.85 -21.37
C GLU A 350 5.45 -0.89 -20.41
N PHE A 351 5.33 0.06 -19.49
CA PHE A 351 4.23 0.04 -18.54
C PHE A 351 2.96 0.61 -19.17
N ASP A 352 1.82 0.30 -18.58
CA ASP A 352 0.55 0.79 -19.10
C ASP A 352 0.30 2.23 -18.64
N MET A 353 -0.81 2.83 -19.12
CA MET A 353 -1.04 4.25 -18.86
C MET A 353 -1.26 4.56 -17.39
N CYS A 354 -1.77 3.63 -16.59
CA CYS A 354 -1.97 3.97 -15.17
C CYS A 354 -0.65 4.04 -14.44
N ALA A 355 0.27 3.13 -14.76
CA ALA A 355 1.57 3.14 -14.09
C ALA A 355 2.41 4.32 -14.54
N LYS A 356 2.31 4.67 -15.82
CA LYS A 356 3.00 5.88 -16.32
C LYS A 356 2.42 7.13 -15.68
N LYS A 357 1.10 7.15 -15.42
CA LYS A 357 0.51 8.27 -14.69
C LYS A 357 1.00 8.30 -13.25
N SER A 358 1.10 7.13 -12.60
CA SER A 358 1.64 7.06 -11.25
C SER A 358 3.04 7.66 -11.20
N ASN A 359 3.91 7.21 -12.11
CA ASN A 359 5.29 7.69 -12.10
C ASN A 359 5.35 9.18 -12.37
N ALA A 360 4.52 9.67 -13.29
CA ALA A 360 4.46 11.11 -13.54
C ALA A 360 3.96 11.87 -12.31
N ASP A 361 2.84 11.42 -11.73
CA ASP A 361 2.28 12.12 -10.58
C ASP A 361 3.23 12.08 -9.40
N LEU A 362 3.95 10.98 -9.21
CA LEU A 362 4.94 10.93 -8.14
C LEU A 362 5.96 12.03 -8.29
N LYS A 363 6.46 12.23 -9.51
CA LYS A 363 7.43 13.29 -9.74
C LYS A 363 6.82 14.66 -9.48
N THR A 364 5.57 14.88 -9.91
CA THR A 364 4.95 16.19 -9.69
C THR A 364 4.68 16.44 -8.21
N ALA A 365 4.08 15.45 -7.52
CA ALA A 365 3.79 15.62 -6.10
C ALA A 365 5.07 15.81 -5.30
N GLY A 366 6.16 15.14 -5.68
CA GLY A 366 7.43 15.37 -5.01
C GLY A 366 7.87 16.83 -5.08
N SER A 367 7.71 17.44 -6.24
CA SER A 367 8.15 18.83 -6.41
C SER A 367 7.22 19.83 -5.77
N LYS A 368 5.97 19.45 -5.47
CA LYS A 368 4.98 20.34 -4.87
C LYS A 368 4.77 20.09 -3.38
N GLY A 369 5.53 19.20 -2.75
CA GLY A 369 5.27 18.94 -1.35
C GLY A 369 4.03 18.11 -1.08
N GLY A 370 3.46 17.46 -2.09
CA GLY A 370 2.32 16.60 -1.90
C GLY A 370 2.65 15.12 -1.85
N LEU A 371 3.94 14.76 -1.89
CA LEU A 371 4.34 13.34 -1.88
C LEU A 371 4.41 12.88 -0.43
N LEU A 372 3.41 12.10 0.00
CA LEU A 372 3.22 11.76 1.39
C LEU A 372 3.11 10.25 1.58
N PRO A 373 3.51 9.73 2.75
CA PRO A 373 3.43 8.29 2.99
C PRO A 373 2.03 7.85 3.38
N SER A 374 1.61 6.71 2.82
CA SER A 374 0.40 6.08 3.28
C SER A 374 0.59 5.64 4.72
N PHE A 375 -0.39 5.93 5.58
CA PHE A 375 -0.33 5.34 6.92
C PHE A 375 -1.06 4.01 6.98
N ALA A 376 -2.09 3.83 6.16
CA ALA A 376 -2.81 2.56 6.15
C ALA A 376 -1.96 1.43 5.62
N HIS A 377 -0.87 1.73 4.91
CA HIS A 377 0.02 0.70 4.40
C HIS A 377 1.43 0.91 4.92
N GLY A 378 1.55 1.46 6.12
CA GLY A 378 2.73 1.24 6.94
C GLY A 378 3.91 2.15 6.70
N MET A 379 3.82 3.11 5.77
CA MET A 379 4.96 4.01 5.54
C MET A 379 5.01 5.21 6.47
N ALA A 380 3.88 5.67 6.98
CA ALA A 380 3.90 6.88 7.78
C ALA A 380 4.15 6.64 9.27
N LEU A 381 3.63 5.54 9.81
CA LEU A 381 3.48 5.39 11.25
C LEU A 381 3.82 3.98 11.66
N ARG A 382 4.29 3.85 12.89
CA ARG A 382 4.51 2.54 13.49
C ARG A 382 3.17 1.85 13.73
N LEU A 383 3.21 0.52 13.89
CA LEU A 383 1.98 -0.25 13.87
C LEU A 383 1.04 0.12 14.99
N ALA A 384 1.56 0.57 16.15
CA ALA A 384 0.67 0.97 17.24
C ALA A 384 -0.20 2.17 16.84
N GLN A 385 0.40 3.17 16.20
CA GLN A 385 -0.38 4.34 15.77
C GLN A 385 -1.31 3.98 14.62
N LYS A 386 -0.79 3.28 13.61
CA LYS A 386 -1.61 2.81 12.50
C LYS A 386 -2.84 2.08 13.02
N GLY A 387 -2.66 1.19 14.00
CA GLY A 387 -3.78 0.44 14.53
C GLY A 387 -4.79 1.32 15.27
N ALA A 388 -4.30 2.27 16.06
CA ALA A 388 -5.21 3.15 16.78
C ALA A 388 -6.12 3.90 15.80
N ILE A 389 -5.54 4.42 14.71
CA ILE A 389 -6.29 5.22 13.76
C ILE A 389 -7.30 4.36 13.00
N GLN A 390 -6.83 3.20 12.52
CA GLN A 390 -7.71 2.26 11.83
C GLN A 390 -8.91 1.93 12.68
N ASP A 391 -8.68 1.61 13.95
CA ASP A 391 -9.77 1.20 14.82
C ASP A 391 -10.84 2.30 14.94
N VAL A 392 -10.42 3.56 14.98
CA VAL A 392 -11.43 4.63 15.08
C VAL A 392 -12.14 4.79 13.75
N VAL A 393 -11.39 4.69 12.65
CA VAL A 393 -11.97 4.88 11.32
C VAL A 393 -13.01 3.82 11.05
N THR A 394 -12.68 2.55 11.35
CA THR A 394 -13.62 1.49 11.04
C THR A 394 -14.84 1.53 11.98
N GLU A 395 -14.70 2.02 13.22
CA GLU A 395 -15.88 2.13 14.07
C GLU A 395 -16.81 3.24 13.57
N HIS A 396 -16.25 4.38 13.15
CA HIS A 396 -17.10 5.43 12.57
C HIS A 396 -17.82 4.91 11.33
N PHE A 397 -17.07 4.27 10.42
CA PHE A 397 -17.61 3.81 9.14
C PHE A 397 -18.77 2.85 9.34
N ASN A 398 -18.67 1.95 10.32
CA ASN A 398 -19.64 0.88 10.50
C ASN A 398 -20.66 1.19 11.59
N SER A 399 -20.77 2.45 11.98
CA SER A 399 -21.77 2.84 12.97
C SER A 399 -22.47 4.08 12.47
N ASN A 400 -23.26 4.72 13.33
CA ASN A 400 -23.84 6.00 13.00
C ASN A 400 -23.15 7.17 13.71
N MET A 401 -21.96 6.94 14.27
CA MET A 401 -21.15 7.99 14.88
C MET A 401 -21.19 9.30 14.10
N SER A 402 -21.34 10.39 14.83
CA SER A 402 -21.13 11.71 14.23
C SER A 402 -19.68 11.89 13.81
N SER A 403 -19.47 12.80 12.84
CA SER A 403 -18.12 13.11 12.39
C SER A 403 -17.30 13.75 13.49
N SER A 404 -17.92 14.59 14.30
CA SER A 404 -17.16 15.29 15.33
C SER A 404 -16.78 14.34 16.47
N ASP A 405 -17.67 13.42 16.82
CA ASP A 405 -17.30 12.36 17.77
C ASP A 405 -16.13 11.53 17.25
N ALA A 406 -16.16 11.19 15.95
CA ALA A 406 -15.05 10.44 15.38
C ALA A 406 -13.74 11.21 15.46
N ALA A 407 -13.76 12.51 15.16
CA ALA A 407 -12.52 13.27 15.21
C ALA A 407 -11.99 13.37 16.63
N LYS A 408 -12.87 13.55 17.61
CA LYS A 408 -12.43 13.55 19.00
C LYS A 408 -11.82 12.21 19.38
N LYS A 409 -12.49 11.10 19.02
CA LYS A 409 -11.98 9.78 19.35
C LYS A 409 -10.68 9.49 18.63
N LEU A 410 -10.54 9.97 17.39
CA LEU A 410 -9.30 9.77 16.65
C LEU A 410 -8.11 10.44 17.35
N ALA A 411 -8.28 11.69 17.77
CA ALA A 411 -7.20 12.40 18.44
C ALA A 411 -6.90 11.81 19.81
N ALA A 412 -7.94 11.36 20.53
CA ALA A 412 -7.71 10.71 21.82
C ALA A 412 -7.00 9.36 21.64
N ALA A 413 -7.40 8.58 20.65
CA ALA A 413 -6.82 7.25 20.47
C ALA A 413 -5.38 7.32 20.01
N VAL A 414 -5.04 8.29 19.14
CA VAL A 414 -3.63 8.46 18.78
C VAL A 414 -2.83 8.87 20.01
N LYS A 415 -3.36 9.84 20.77
CA LYS A 415 -2.66 10.32 21.95
C LYS A 415 -2.42 9.19 22.95
N ALA A 416 -3.45 8.37 23.22
CA ALA A 416 -3.26 7.27 24.15
C ALA A 416 -2.31 6.19 23.63
N SER A 417 -2.13 6.07 22.31
CA SER A 417 -1.22 5.07 21.78
C SER A 417 0.24 5.48 21.87
N LEU A 418 0.52 6.69 22.33
CA LEU A 418 1.89 7.17 22.37
C LEU A 418 2.49 6.81 23.73
C2 BGC B . 0.90 -4.17 0.03
C3 BGC B . 0.60 -4.65 -1.39
C4 BGC B . -0.57 -5.62 -1.36
C5 BGC B . -1.77 -4.94 -0.72
C6 BGC B . -2.99 -5.84 -0.65
C1 BGC B . -0.36 -3.59 0.68
O1 BGC B . -0.08 -3.21 1.98
O2 BGC B . 1.90 -3.17 0.03
O3 BGC B . 1.73 -5.28 -1.96
O4 BGC B . -0.90 -6.06 -2.67
O5 BGC B . -1.43 -4.57 0.64
O6 BGC B . -2.77 -6.94 0.22
#